data_3KZV
#
_entry.id   3KZV
#
_cell.length_a   117.413
_cell.length_b   117.413
_cell.length_c   89.488
_cell.angle_alpha   90.00
_cell.angle_beta   90.00
_cell.angle_gamma   90.00
#
_symmetry.space_group_name_H-M   'I 41 2 2'
#
loop_
_entity.id
_entity.type
_entity.pdbx_description
1 polymer 'Uncharacterized oxidoreductase YIR035C'
2 non-polymer GLYCEROL
3 water water
#
_entity_poly.entity_id   1
_entity_poly.type   'polypeptide(L)'
_entity_poly.pdbx_seq_one_letter_code
;MGKVILVTGVSRGIGKSIVDVLFSLDKDTVVYGVARSEAPLKKLKEKYGDRFFYVVGDITEDSVLKQLVNAAVKGHGKID
SLVANAGVLEPVQNVNEIDVNAWKKLYDINFFSIVSLVGIALPELKKTNGNVVFVSSDACNMYFSSWGAYGSSKAALNHF
AMTLANEERQVKAIAVAPGIVDTDMQVNIRENVGPSSMSAEQLKMFRGLKENNQLLDSSVPATVYAKLALHGIPDGVNGQ
YLSYNDPALADFMP
;
_entity_poly.pdbx_strand_id   A
#
# COMPACT_ATOMS: atom_id res chain seq x y z
N GLY A 2 -19.35 1.29 -12.02
CA GLY A 2 -18.60 1.50 -10.73
C GLY A 2 -17.13 1.87 -10.90
N LYS A 3 -16.47 2.28 -9.80
CA LYS A 3 -15.06 2.72 -9.90
C LYS A 3 -14.22 1.49 -10.06
N VAL A 4 -13.17 1.54 -10.86
CA VAL A 4 -12.20 0.45 -10.97
C VAL A 4 -10.96 0.81 -10.16
N ILE A 5 -10.63 0.02 -9.15
CA ILE A 5 -9.53 0.42 -8.18
C ILE A 5 -8.44 -0.67 -8.09
N LEU A 6 -7.17 -0.33 -8.29
CA LEU A 6 -6.10 -1.31 -8.12
C LEU A 6 -5.62 -1.17 -6.67
N VAL A 7 -5.32 -2.31 -6.03
CA VAL A 7 -4.82 -2.32 -4.67
C VAL A 7 -3.67 -3.34 -4.57
N THR A 8 -2.52 -2.89 -4.04
CA THR A 8 -1.35 -3.74 -3.90
C THR A 8 -1.21 -4.10 -2.42
N GLY A 9 -0.37 -5.09 -2.17
CA GLY A 9 -0.11 -5.55 -0.80
C GLY A 9 -1.36 -6.10 -0.10
N VAL A 10 -2.24 -6.78 -0.84
CA VAL A 10 -3.56 -7.15 -0.28
C VAL A 10 -3.62 -8.44 0.53
N SER A 11 -2.52 -9.19 0.62
CA SER A 11 -2.61 -10.49 1.28
C SER A 11 -2.89 -10.36 2.78
N ARG A 12 -2.31 -9.33 3.40
CA ARG A 12 -2.32 -9.19 4.85
C ARG A 12 -2.45 -7.76 5.33
N GLY A 13 -2.74 -7.61 6.61
CA GLY A 13 -2.64 -6.31 7.23
C GLY A 13 -3.60 -5.32 6.60
N ILE A 14 -3.17 -4.09 6.58
CA ILE A 14 -4.08 -3.02 6.22
C ILE A 14 -4.53 -3.16 4.74
N GLY A 15 -3.68 -3.65 3.83
CA GLY A 15 -4.08 -3.80 2.42
C GLY A 15 -5.29 -4.73 2.25
N LYS A 16 -5.30 -5.80 3.04
CA LYS A 16 -6.44 -6.74 3.03
C LYS A 16 -7.68 -6.02 3.54
N SER A 17 -7.53 -5.24 4.61
CA SER A 17 -8.67 -4.50 5.20
C SER A 17 -9.26 -3.49 4.29
N ILE A 18 -8.42 -2.78 3.57
CA ILE A 18 -8.88 -1.82 2.59
C ILE A 18 -9.73 -2.50 1.49
N VAL A 19 -9.32 -3.67 0.99
CA VAL A 19 -10.19 -4.40 0.04
C VAL A 19 -11.51 -4.71 0.69
N ASP A 20 -11.48 -5.22 1.95
CA ASP A 20 -12.72 -5.62 2.65
C ASP A 20 -13.63 -4.43 2.77
N VAL A 21 -13.04 -3.29 3.14
CA VAL A 21 -13.82 -2.06 3.34
C VAL A 21 -14.38 -1.55 2.03
N LEU A 22 -13.58 -1.54 0.97
CA LEU A 22 -14.11 -1.09 -0.33
C LEU A 22 -15.38 -1.82 -0.72
N PHE A 23 -15.39 -3.12 -0.55
CA PHE A 23 -16.57 -3.92 -0.99
C PHE A 23 -17.77 -3.68 -0.10
N SER A 24 -17.52 -3.42 1.19
CA SER A 24 -18.66 -3.13 2.07
C SER A 24 -19.22 -1.71 1.82
N LEU A 25 -18.50 -0.82 1.15
CA LEU A 25 -18.96 0.58 1.10
C LEU A 25 -19.86 0.83 -0.08
N ASP A 26 -19.68 0.03 -1.11
CA ASP A 26 -20.23 0.33 -2.42
C ASP A 26 -20.50 -1.04 -3.04
N LYS A 27 -21.66 -1.22 -3.65
CA LYS A 27 -21.97 -2.45 -4.40
C LYS A 27 -21.44 -2.50 -5.84
N ASP A 28 -21.04 -1.38 -6.41
CA ASP A 28 -20.57 -1.30 -7.82
C ASP A 28 -19.04 -1.39 -8.09
N THR A 29 -18.22 -1.03 -7.11
CA THR A 29 -16.76 -1.05 -7.22
C THR A 29 -16.14 -2.39 -7.61
N VAL A 30 -15.15 -2.31 -8.48
CA VAL A 30 -14.35 -3.48 -8.85
C VAL A 30 -12.94 -3.23 -8.40
N VAL A 31 -12.31 -4.27 -7.84
CA VAL A 31 -10.94 -4.18 -7.36
C VAL A 31 -10.06 -5.21 -8.06
N TYR A 32 -8.91 -4.78 -8.56
CA TYR A 32 -7.84 -5.67 -9.04
C TYR A 32 -6.75 -5.63 -7.99
N GLY A 33 -6.48 -6.73 -7.30
CA GLY A 33 -5.36 -6.72 -6.31
C GLY A 33 -4.16 -7.56 -6.75
N VAL A 34 -3.04 -7.41 -6.05
CA VAL A 34 -1.88 -8.24 -6.25
C VAL A 34 -1.26 -8.53 -4.91
N ALA A 35 -0.68 -9.71 -4.76
CA ALA A 35 0.11 -10.06 -3.59
C ALA A 35 1.07 -11.12 -4.11
N ARG A 36 2.12 -11.44 -3.36
CA ARG A 36 3.05 -12.50 -3.80
C ARG A 36 2.51 -13.90 -3.60
N SER A 37 1.67 -14.12 -2.57
CA SER A 37 1.14 -15.46 -2.30
C SER A 37 -0.30 -15.64 -2.89
N GLU A 38 -0.56 -16.72 -3.62
CA GLU A 38 -1.89 -16.91 -4.24
C GLU A 38 -2.98 -17.29 -3.24
N ALA A 39 -2.65 -18.00 -2.16
CA ALA A 39 -3.68 -18.48 -1.19
C ALA A 39 -4.64 -17.39 -0.77
N PRO A 40 -4.14 -16.24 -0.26
CA PRO A 40 -5.14 -15.30 0.26
C PRO A 40 -5.88 -14.53 -0.86
N LEU A 41 -5.29 -14.50 -2.06
CA LEU A 41 -5.96 -13.94 -3.23
C LEU A 41 -7.16 -14.80 -3.67
N LYS A 42 -6.96 -16.13 -3.70
CA LYS A 42 -8.02 -17.09 -3.95
C LYS A 42 -9.15 -16.94 -2.92
N LYS A 43 -8.79 -16.76 -1.65
CA LYS A 43 -9.79 -16.59 -0.62
C LYS A 43 -10.61 -15.30 -0.82
N LEU A 44 -9.96 -14.23 -1.25
CA LEU A 44 -10.66 -13.03 -1.60
C LEU A 44 -11.54 -13.26 -2.82
N LYS A 45 -11.01 -13.95 -3.80
CA LYS A 45 -11.84 -14.21 -5.02
C LYS A 45 -13.09 -15.06 -4.65
N GLU A 46 -12.91 -16.07 -3.83
CA GLU A 46 -14.04 -16.89 -3.37
C GLU A 46 -15.10 -16.15 -2.54
N LYS A 47 -14.68 -15.11 -1.84
CA LYS A 47 -15.60 -14.36 -1.02
C LYS A 47 -16.34 -13.30 -1.82
N TYR A 48 -15.65 -12.64 -2.73
CA TYR A 48 -16.23 -11.49 -3.39
C TYR A 48 -16.60 -11.76 -4.86
N GLY A 49 -16.18 -12.91 -5.41
CA GLY A 49 -16.57 -13.27 -6.79
C GLY A 49 -16.05 -12.29 -7.80
N ASP A 50 -16.88 -11.98 -8.80
CA ASP A 50 -16.45 -11.16 -9.94
C ASP A 50 -16.49 -9.66 -9.67
N ARG A 51 -16.49 -9.31 -8.38
CA ARG A 51 -16.10 -7.96 -7.95
C ARG A 51 -14.57 -7.84 -7.77
N PHE A 52 -13.89 -8.99 -7.62
CA PHE A 52 -12.45 -9.04 -7.35
C PHE A 52 -11.70 -9.84 -8.39
N PHE A 53 -10.55 -9.31 -8.81
CA PHE A 53 -9.63 -9.96 -9.77
C PHE A 53 -8.25 -9.79 -9.25
N TYR A 54 -7.35 -10.72 -9.53
CA TYR A 54 -6.01 -10.57 -9.00
C TYR A 54 -4.99 -11.05 -10.00
N VAL A 55 -3.75 -10.58 -9.79
CA VAL A 55 -2.51 -11.15 -10.34
C VAL A 55 -1.63 -11.58 -9.16
N VAL A 56 -1.03 -12.77 -9.25
CA VAL A 56 -0.08 -13.28 -8.26
C VAL A 56 1.33 -12.92 -8.70
N GLY A 57 2.10 -12.29 -7.84
CA GLY A 57 3.52 -12.08 -8.09
C GLY A 57 4.09 -10.90 -7.31
N ASP A 58 5.37 -10.64 -7.56
CA ASP A 58 6.20 -9.64 -6.90
C ASP A 58 6.11 -8.33 -7.70
N ILE A 59 5.61 -7.27 -7.10
CA ILE A 59 5.55 -6.05 -7.88
C ILE A 59 6.91 -5.40 -8.11
N THR A 60 8.00 -5.98 -7.61
CA THR A 60 9.31 -5.51 -8.02
C THR A 60 9.62 -6.06 -9.43
N GLU A 61 8.76 -6.95 -9.93
CA GLU A 61 8.74 -7.30 -11.39
C GLU A 61 7.83 -6.41 -12.23
N ASP A 62 8.42 -5.66 -13.17
CA ASP A 62 7.58 -4.82 -14.07
C ASP A 62 6.55 -5.63 -14.87
N SER A 63 6.88 -6.89 -15.21
CA SER A 63 5.94 -7.75 -15.93
C SER A 63 4.68 -7.98 -15.11
N VAL A 64 4.80 -8.09 -13.78
CA VAL A 64 3.64 -8.32 -12.93
C VAL A 64 2.75 -7.03 -12.96
N LEU A 65 3.40 -5.87 -12.90
CA LEU A 65 2.73 -4.56 -12.94
C LEU A 65 1.95 -4.39 -14.22
N LYS A 66 2.60 -4.69 -15.36
CA LYS A 66 1.91 -4.55 -16.65
C LYS A 66 0.75 -5.58 -16.72
N GLN A 67 0.94 -6.79 -16.19
CA GLN A 67 -0.18 -7.77 -16.19
C GLN A 67 -1.41 -7.19 -15.47
N LEU A 68 -1.17 -6.60 -14.29
CA LEU A 68 -2.23 -6.08 -13.46
C LEU A 68 -2.93 -4.89 -14.11
N VAL A 69 -2.14 -3.94 -14.62
CA VAL A 69 -2.71 -2.84 -15.38
C VAL A 69 -3.47 -3.31 -16.65
N ASN A 70 -2.84 -4.15 -17.49
CA ASN A 70 -3.52 -4.70 -18.67
C ASN A 70 -4.80 -5.44 -18.31
N ALA A 71 -4.75 -6.15 -17.18
CA ALA A 71 -5.93 -6.97 -16.82
C ALA A 71 -7.07 -6.07 -16.47
N ALA A 72 -6.83 -4.98 -15.75
CA ALA A 72 -7.92 -4.02 -15.44
C ALA A 72 -8.45 -3.33 -16.70
N VAL A 73 -7.57 -2.87 -17.58
CA VAL A 73 -8.12 -2.21 -18.76
C VAL A 73 -8.87 -3.20 -19.70
N LYS A 74 -8.32 -4.40 -19.83
CA LYS A 74 -8.96 -5.48 -20.63
C LYS A 74 -10.33 -5.86 -20.06
N GLY A 75 -10.43 -6.00 -18.74
CA GLY A 75 -11.58 -6.58 -18.14
C GLY A 75 -12.63 -5.54 -17.88
N HIS A 76 -12.23 -4.31 -17.54
CA HIS A 76 -13.22 -3.31 -17.20
C HIS A 76 -13.07 -1.97 -17.93
N GLY A 77 -12.12 -1.87 -18.82
CA GLY A 77 -11.99 -0.72 -19.72
C GLY A 77 -11.31 0.51 -19.12
N LYS A 78 -11.02 0.55 -17.82
CA LYS A 78 -10.44 1.77 -17.27
C LYS A 78 -9.84 1.52 -15.88
N ILE A 79 -9.19 2.53 -15.30
CA ILE A 79 -8.70 2.47 -13.91
C ILE A 79 -9.03 3.84 -13.31
N ASP A 80 -9.80 3.86 -12.23
CA ASP A 80 -10.09 5.10 -11.48
C ASP A 80 -9.10 5.51 -10.39
N SER A 81 -8.62 4.53 -9.65
CA SER A 81 -7.78 4.84 -8.50
C SER A 81 -6.81 3.72 -8.29
N LEU A 82 -5.73 4.08 -7.60
CA LEU A 82 -4.69 3.13 -7.22
C LEU A 82 -4.43 3.30 -5.70
N VAL A 83 -4.50 2.23 -4.91
CA VAL A 83 -4.12 2.25 -3.49
C VAL A 83 -2.77 1.56 -3.48
N ALA A 84 -1.70 2.38 -3.38
CA ALA A 84 -0.31 1.91 -3.51
C ALA A 84 0.21 1.59 -2.11
N ASN A 85 0.43 0.30 -1.88
CA ASN A 85 0.73 -0.17 -0.58
C ASN A 85 1.86 -1.21 -0.67
N ALA A 86 2.97 -0.96 0.03
CA ALA A 86 4.09 -1.92 -0.01
C ALA A 86 3.80 -3.20 0.80
N GLY A 87 2.72 -3.20 1.60
CA GLY A 87 2.37 -4.36 2.36
C GLY A 87 3.02 -4.37 3.75
N VAL A 88 2.82 -5.44 4.51
CA VAL A 88 3.16 -5.50 5.93
C VAL A 88 4.69 -5.49 6.14
N LEU A 89 5.16 -4.93 7.26
CA LEU A 89 6.54 -5.10 7.68
C LEU A 89 6.91 -6.59 7.91
N GLU A 90 8.05 -7.05 7.40
CA GLU A 90 8.56 -8.41 7.70
C GLU A 90 10.08 -8.37 7.58
N PRO A 91 10.79 -9.30 8.27
CA PRO A 91 12.26 -9.27 8.23
C PRO A 91 12.68 -9.56 6.80
N VAL A 92 13.73 -8.90 6.30
CA VAL A 92 14.31 -9.09 5.00
C VAL A 92 15.82 -9.25 5.19
N GLN A 93 16.46 -10.15 4.45
CA GLN A 93 17.88 -10.59 4.74
C GLN A 93 18.90 -9.45 4.68
N ASN A 94 19.74 -9.31 5.68
CA ASN A 94 20.86 -8.36 5.61
C ASN A 94 20.52 -6.88 5.67
N VAL A 95 19.28 -6.54 5.90
CA VAL A 95 18.91 -5.12 5.99
C VAL A 95 19.51 -4.41 7.23
N ASN A 96 19.74 -5.17 8.29
CA ASN A 96 20.37 -4.63 9.47
C ASN A 96 21.90 -4.62 9.29
N GLU A 97 22.39 -4.65 8.04
CA GLU A 97 23.84 -4.48 7.81
C GLU A 97 23.94 -3.29 6.85
N ILE A 98 25.11 -2.69 6.80
CA ILE A 98 25.37 -1.64 5.83
C ILE A 98 25.70 -2.33 4.50
N ASP A 99 24.67 -2.75 3.80
CA ASP A 99 24.82 -3.68 2.69
C ASP A 99 23.97 -3.10 1.58
N VAL A 100 24.62 -2.46 0.62
CA VAL A 100 23.92 -1.77 -0.44
C VAL A 100 22.96 -2.72 -1.20
N ASN A 101 23.33 -3.98 -1.42
CA ASN A 101 22.44 -4.89 -2.14
C ASN A 101 21.11 -5.11 -1.42
N ALA A 102 21.19 -5.28 -0.11
CA ALA A 102 19.99 -5.50 0.68
C ALA A 102 19.18 -4.23 0.73
N TRP A 103 19.83 -3.07 0.94
CA TRP A 103 19.08 -1.78 0.88
C TRP A 103 18.39 -1.53 -0.45
N LYS A 104 19.06 -1.82 -1.57
CA LYS A 104 18.43 -1.58 -2.85
C LYS A 104 17.20 -2.49 -2.95
N LYS A 105 17.35 -3.74 -2.48
CA LYS A 105 16.23 -4.65 -2.60
C LYS A 105 15.04 -4.16 -1.73
N LEU A 106 15.31 -3.70 -0.52
CA LEU A 106 14.20 -3.17 0.31
C LEU A 106 13.55 -1.88 -0.30
N TYR A 107 14.41 -0.95 -0.79
CA TYR A 107 13.87 0.21 -1.46
C TYR A 107 13.03 -0.19 -2.72
N ASP A 108 13.39 -1.25 -3.41
CA ASP A 108 12.58 -1.68 -4.54
C ASP A 108 11.20 -2.21 -4.04
N ILE A 109 11.20 -3.06 -3.00
CA ILE A 109 9.96 -3.50 -2.33
C ILE A 109 9.09 -2.34 -1.85
N ASN A 110 9.67 -1.39 -1.09
CA ASN A 110 8.84 -0.39 -0.44
C ASN A 110 8.62 0.88 -1.21
N PHE A 111 9.46 1.14 -2.20
CA PHE A 111 9.41 2.45 -2.88
C PHE A 111 9.43 2.31 -4.43
N PHE A 112 10.52 1.82 -5.02
CA PHE A 112 10.63 1.79 -6.50
C PHE A 112 9.56 0.99 -7.23
N SER A 113 9.16 -0.16 -6.71
CA SER A 113 8.03 -0.88 -7.35
C SER A 113 6.77 0.00 -7.41
N ILE A 114 6.56 0.82 -6.38
CA ILE A 114 5.41 1.69 -6.38
C ILE A 114 5.62 2.81 -7.39
N VAL A 115 6.80 3.43 -7.40
CA VAL A 115 7.11 4.38 -8.48
C VAL A 115 6.85 3.74 -9.90
N SER A 116 7.37 2.55 -10.11
CA SER A 116 7.14 1.84 -11.36
C SER A 116 5.67 1.63 -11.63
N LEU A 117 4.91 1.22 -10.63
CA LEU A 117 3.46 0.99 -10.84
C LEU A 117 2.69 2.27 -11.23
N VAL A 118 3.03 3.38 -10.57
CA VAL A 118 2.38 4.66 -10.84
C VAL A 118 2.68 5.05 -12.30
N GLY A 119 3.92 4.88 -12.71
CA GLY A 119 4.32 5.22 -14.09
C GLY A 119 3.57 4.39 -15.11
N ILE A 120 3.40 3.11 -14.81
CA ILE A 120 2.72 2.20 -15.68
C ILE A 120 1.20 2.51 -15.79
N ALA A 121 0.56 2.82 -14.66
CA ALA A 121 -0.88 3.04 -14.58
C ALA A 121 -1.23 4.52 -14.97
N LEU A 122 -0.23 5.39 -15.00
CA LEU A 122 -0.49 6.83 -15.09
C LEU A 122 -1.33 7.22 -16.31
N PRO A 123 -1.04 6.65 -17.50
CA PRO A 123 -1.89 7.03 -18.64
C PRO A 123 -3.36 6.66 -18.51
N GLU A 124 -3.69 5.52 -17.91
CA GLU A 124 -5.11 5.25 -17.57
C GLU A 124 -5.66 6.16 -16.51
N LEU A 125 -4.85 6.48 -15.49
CA LEU A 125 -5.34 7.39 -14.44
C LEU A 125 -5.60 8.75 -15.01
N LYS A 126 -4.79 9.19 -15.95
CA LYS A 126 -5.03 10.50 -16.58
C LYS A 126 -6.37 10.50 -17.28
N LYS A 127 -6.78 9.35 -17.84
CA LYS A 127 -8.00 9.30 -18.65
C LYS A 127 -9.19 9.58 -17.76
N THR A 128 -9.17 9.10 -16.53
CA THR A 128 -10.29 9.29 -15.64
C THR A 128 -10.10 10.40 -14.60
N ASN A 129 -9.01 11.18 -14.71
CA ASN A 129 -8.61 12.18 -13.71
C ASN A 129 -8.61 11.56 -12.32
N GLY A 130 -7.94 10.43 -12.22
CA GLY A 130 -8.08 9.54 -11.08
C GLY A 130 -7.21 9.91 -9.87
N ASN A 131 -7.13 8.98 -8.93
CA ASN A 131 -6.54 9.26 -7.62
C ASN A 131 -5.47 8.25 -7.27
N VAL A 132 -4.36 8.71 -6.73
CA VAL A 132 -3.36 7.78 -6.21
C VAL A 132 -3.26 7.96 -4.67
N VAL A 133 -3.63 6.91 -3.92
CA VAL A 133 -3.68 6.96 -2.47
C VAL A 133 -2.51 6.08 -1.98
N PHE A 134 -1.50 6.67 -1.35
CA PHE A 134 -0.43 5.81 -0.81
C PHE A 134 -0.65 5.43 0.65
N VAL A 135 -0.36 4.18 0.98
CA VAL A 135 -0.40 3.68 2.36
C VAL A 135 1.03 3.83 2.81
N SER A 136 1.28 4.89 3.52
CA SER A 136 2.64 5.26 3.85
C SER A 136 2.88 4.87 5.32
N SER A 137 3.92 5.36 5.98
CA SER A 137 4.15 4.88 7.34
C SER A 137 3.99 5.98 8.33
N ASP A 138 3.68 5.61 9.58
CA ASP A 138 3.56 6.62 10.63
C ASP A 138 4.89 7.12 11.09
N ALA A 139 5.86 6.21 11.01
CA ALA A 139 7.27 6.50 11.19
C ALA A 139 7.65 7.65 10.26
N CYS A 140 6.75 8.64 10.20
CA CYS A 140 7.21 10.02 10.14
C CYS A 140 7.25 10.72 11.52
N ASN A 141 7.72 9.93 12.49
CA ASN A 141 8.87 10.32 13.29
C ASN A 141 10.05 9.71 12.48
N MET A 142 10.48 10.36 11.44
CA MET A 142 11.65 9.84 10.82
C MET A 142 12.67 10.61 11.62
N TYR A 143 12.25 11.78 12.07
CA TYR A 143 13.07 12.63 12.89
C TYR A 143 14.04 11.78 13.66
N PHE A 144 13.53 11.01 14.58
CA PHE A 144 14.34 10.00 15.19
C PHE A 144 13.64 8.69 14.81
N SER A 145 14.40 7.72 14.35
CA SER A 145 13.85 6.40 14.12
C SER A 145 14.98 5.38 14.25
N SER A 146 14.74 4.29 14.99
CA SER A 146 15.69 3.17 15.06
C SER A 146 15.23 2.00 14.18
N TRP A 147 14.30 2.24 13.24
CA TRP A 147 13.91 1.16 12.32
C TRP A 147 14.86 1.01 11.10
N GLY A 148 15.94 1.80 11.04
CA GLY A 148 17.02 1.59 10.01
C GLY A 148 16.39 1.73 8.61
N ALA A 149 16.79 0.86 7.70
CA ALA A 149 16.28 0.93 6.37
C ALA A 149 14.77 0.55 6.25
N TYR A 150 14.25 -0.25 7.17
CA TYR A 150 12.84 -0.61 7.15
C TYR A 150 11.96 0.68 7.21
N GLY A 151 12.37 1.63 8.02
CA GLY A 151 11.66 2.91 8.17
C GLY A 151 11.87 3.89 7.04
N SER A 152 13.12 4.06 6.58
CA SER A 152 13.38 5.11 5.61
C SER A 152 12.82 4.73 4.25
N SER A 153 12.97 3.46 3.87
CA SER A 153 12.42 2.99 2.58
C SER A 153 10.90 3.09 2.52
N LYS A 154 10.22 2.85 3.65
CA LYS A 154 8.76 2.76 3.72
C LYS A 154 8.19 4.21 3.55
N ALA A 155 8.81 5.13 4.30
CA ALA A 155 8.48 6.57 4.35
C ALA A 155 8.83 7.38 3.07
N ALA A 156 9.64 6.79 2.17
CA ALA A 156 9.95 7.46 0.92
C ALA A 156 8.69 7.81 0.10
N LEU A 157 7.61 7.07 0.24
CA LEU A 157 6.32 7.45 -0.41
C LEU A 157 5.80 8.83 0.00
N ASN A 158 6.16 9.33 1.17
CA ASN A 158 5.63 10.61 1.60
C ASN A 158 5.99 11.72 0.63
N HIS A 159 7.29 11.90 0.37
CA HIS A 159 7.72 12.98 -0.58
C HIS A 159 7.25 12.61 -1.98
N PHE A 160 7.09 11.31 -2.25
CA PHE A 160 6.75 10.95 -3.63
C PHE A 160 5.35 11.46 -3.97
N ALA A 161 4.42 11.41 -3.03
CA ALA A 161 3.08 11.95 -3.24
C ALA A 161 3.06 13.39 -3.69
N MET A 162 3.84 14.21 -2.98
CA MET A 162 3.94 15.61 -3.31
C MET A 162 4.54 15.84 -4.70
N THR A 163 5.63 15.14 -5.02
CA THR A 163 6.24 15.24 -6.34
C THR A 163 5.29 14.78 -7.46
N LEU A 164 4.60 13.65 -7.26
CA LEU A 164 3.62 13.18 -8.28
C LEU A 164 2.51 14.21 -8.47
N ALA A 165 1.98 14.73 -7.37
CA ALA A 165 0.86 15.69 -7.58
C ALA A 165 1.32 17.02 -8.24
N ASN A 166 2.54 17.46 -7.93
CA ASN A 166 3.09 18.65 -8.67
C ASN A 166 3.31 18.41 -10.17
N GLU A 167 3.78 17.21 -10.51
CA GLU A 167 4.19 16.91 -11.85
C GLU A 167 3.06 16.46 -12.75
N GLU A 168 1.99 15.90 -12.18
CA GLU A 168 0.89 15.35 -12.96
C GLU A 168 -0.40 15.93 -12.52
N ARG A 169 -0.79 17.03 -13.13
CA ARG A 169 -2.00 17.81 -12.73
C ARG A 169 -3.36 17.18 -13.07
N GLN A 170 -3.38 16.16 -13.89
CA GLN A 170 -4.67 15.58 -14.22
C GLN A 170 -5.05 14.51 -13.19
N VAL A 171 -4.15 14.19 -12.27
CA VAL A 171 -4.41 13.18 -11.26
C VAL A 171 -4.26 13.86 -9.90
N LYS A 172 -4.80 13.28 -8.86
CA LYS A 172 -4.50 13.70 -7.50
C LYS A 172 -3.76 12.59 -6.74
N ALA A 173 -2.98 12.96 -5.74
CA ALA A 173 -2.26 11.97 -4.97
C ALA A 173 -2.20 12.41 -3.49
N ILE A 174 -2.09 11.44 -2.59
CA ILE A 174 -2.05 11.75 -1.17
C ILE A 174 -1.30 10.59 -0.55
N ALA A 175 -0.52 10.87 0.50
CA ALA A 175 0.09 9.80 1.27
C ALA A 175 -0.47 9.86 2.70
N VAL A 176 -1.08 8.77 3.15
CA VAL A 176 -1.73 8.72 4.47
C VAL A 176 -1.08 7.64 5.33
N ALA A 177 -0.62 8.05 6.53
CA ALA A 177 -0.11 7.14 7.55
C ALA A 177 -1.29 6.50 8.35
N PRO A 178 -1.17 5.21 8.65
CA PRO A 178 -2.33 4.47 9.18
C PRO A 178 -2.48 4.46 10.70
N GLY A 179 -1.58 5.11 11.41
CA GLY A 179 -1.69 5.24 12.90
C GLY A 179 -1.23 3.97 13.62
N ILE A 180 -0.61 3.06 12.86
CA ILE A 180 -0.06 1.76 13.37
C ILE A 180 1.12 1.37 12.49
N VAL A 181 1.94 0.43 12.97
CA VAL A 181 2.96 -0.16 12.14
C VAL A 181 2.24 -1.33 11.48
N ASP A 182 2.19 -1.35 10.15
CA ASP A 182 1.41 -2.37 9.40
C ASP A 182 2.08 -3.75 9.52
N THR A 183 1.42 -4.66 10.23
CA THR A 183 1.92 -6.01 10.41
C THR A 183 0.83 -7.04 10.10
N ASP A 184 1.27 -8.27 9.90
CA ASP A 184 0.35 -9.36 9.71
C ASP A 184 -0.42 -9.53 11.02
N MET A 185 -1.75 -9.59 10.95
CA MET A 185 -2.61 -9.55 12.18
C MET A 185 -2.98 -10.98 12.67
N GLN A 186 -2.82 -11.97 11.80
CA GLN A 186 -3.12 -13.37 12.09
C GLN A 186 -2.13 -13.96 13.10
N VAL A 187 -2.62 -14.77 14.04
CA VAL A 187 -1.74 -15.33 15.08
C VAL A 187 -0.76 -16.28 14.41
N ASN A 188 0.53 -16.00 14.57
CA ASN A 188 1.60 -16.73 13.89
C ASN A 188 2.66 -17.19 14.87
N ILE A 189 3.24 -18.34 14.59
CA ILE A 189 4.48 -18.78 15.23
C ILE A 189 5.56 -17.70 14.96
N ARG A 190 6.34 -17.35 16.00
CA ARG A 190 7.56 -16.55 15.82
C ARG A 190 8.51 -17.27 14.88
N GLU A 191 9.20 -16.48 14.08
CA GLU A 191 10.12 -16.93 13.11
C GLU A 191 11.49 -16.64 13.70
N ASN A 192 12.44 -17.49 13.33
CA ASN A 192 13.79 -17.37 13.78
C ASN A 192 14.39 -16.24 12.92
N VAL A 193 14.68 -15.07 13.50
CA VAL A 193 15.19 -13.92 12.72
C VAL A 193 16.59 -13.55 13.21
N GLY A 194 17.59 -13.61 12.31
CA GLY A 194 18.98 -13.34 12.75
C GLY A 194 19.33 -11.84 12.79
N PRO A 195 20.42 -11.49 13.46
CA PRO A 195 20.74 -10.09 13.69
C PRO A 195 21.18 -9.28 12.46
N SER A 196 21.56 -9.95 11.37
CA SER A 196 21.87 -9.25 10.13
C SER A 196 20.57 -8.75 9.48
N SER A 197 19.43 -9.36 9.84
CA SER A 197 18.15 -9.00 9.24
C SER A 197 17.39 -7.93 10.08
N MET A 198 17.42 -8.07 11.41
CA MET A 198 16.78 -7.09 12.32
C MET A 198 17.64 -7.05 13.53
N SER A 199 17.89 -5.87 14.07
CA SER A 199 18.59 -5.84 15.36
C SER A 199 17.72 -6.53 16.43
N ALA A 200 18.31 -6.87 17.56
CA ALA A 200 17.55 -7.48 18.64
C ALA A 200 16.37 -6.59 19.07
N GLU A 201 16.64 -5.28 19.14
CA GLU A 201 15.59 -4.29 19.48
C GLU A 201 14.51 -4.23 18.44
N GLN A 202 14.90 -4.24 17.18
CA GLN A 202 13.87 -4.21 16.15
C GLN A 202 12.99 -5.42 16.21
N LEU A 203 13.59 -6.62 16.37
CA LEU A 203 12.85 -7.86 16.46
C LEU A 203 11.93 -7.88 17.69
N LYS A 204 12.46 -7.46 18.85
CA LYS A 204 11.64 -7.48 20.04
C LYS A 204 10.43 -6.51 19.90
N MET A 205 10.64 -5.31 19.37
CA MET A 205 9.49 -4.37 19.14
C MET A 205 8.52 -4.94 18.10
N PHE A 206 9.06 -5.48 17.04
CA PHE A 206 8.28 -6.02 15.96
C PHE A 206 7.30 -7.08 16.50
N ARG A 207 7.79 -7.96 17.35
CA ARG A 207 7.00 -9.05 17.90
C ARG A 207 5.97 -8.50 18.85
N GLY A 208 6.37 -7.61 19.72
CA GLY A 208 5.45 -6.88 20.53
C GLY A 208 4.32 -6.24 19.74
N LEU A 209 4.64 -5.51 18.71
CA LEU A 209 3.62 -4.86 17.90
C LEU A 209 2.71 -5.88 17.28
N LYS A 210 3.29 -6.90 16.68
CA LYS A 210 2.52 -7.96 16.04
C LYS A 210 1.60 -8.64 17.04
N GLU A 211 2.16 -9.06 18.17
CA GLU A 211 1.40 -9.73 19.21
C GLU A 211 0.42 -8.78 19.89
N ASN A 212 0.21 -7.62 19.26
CA ASN A 212 -0.70 -6.62 19.79
C ASN A 212 -1.75 -6.19 18.78
N ASN A 213 -1.39 -6.23 17.51
CA ASN A 213 -2.30 -5.85 16.44
C ASN A 213 -3.38 -6.90 16.20
N SER A 218 -8.02 -0.71 12.88
CA SER A 218 -7.40 -0.99 11.56
C SER A 218 -8.45 -0.87 10.46
N SER A 219 -9.66 -1.25 10.81
CA SER A 219 -10.82 -1.00 9.96
C SER A 219 -11.07 0.54 9.81
N VAL A 220 -10.68 1.30 10.83
CA VAL A 220 -10.89 2.76 10.79
C VAL A 220 -9.94 3.42 9.78
N PRO A 221 -8.59 3.21 9.94
CA PRO A 221 -7.79 3.81 8.89
C PRO A 221 -8.01 3.16 7.51
N ALA A 222 -8.32 1.85 7.45
CA ALA A 222 -8.61 1.25 6.11
C ALA A 222 -9.73 1.97 5.38
N THR A 223 -10.69 2.50 6.15
CA THR A 223 -11.85 3.22 5.59
C THR A 223 -11.44 4.55 4.98
N VAL A 224 -10.51 5.23 5.66
CA VAL A 224 -10.00 6.48 5.13
C VAL A 224 -9.40 6.25 3.73
N TYR A 225 -8.54 5.25 3.62
CA TYR A 225 -7.94 4.98 2.31
C TYR A 225 -9.02 4.61 1.32
N ALA A 226 -9.97 3.80 1.76
CA ALA A 226 -10.98 3.28 0.86
C ALA A 226 -11.86 4.44 0.38
N LYS A 227 -12.18 5.39 1.27
CA LYS A 227 -13.10 6.47 0.89
C LYS A 227 -12.38 7.49 0.01
N LEU A 228 -11.09 7.64 0.24
CA LEU A 228 -10.31 8.54 -0.67
C LEU A 228 -10.27 7.98 -2.10
N ALA A 229 -10.01 6.68 -2.21
CA ALA A 229 -10.00 5.98 -3.51
C ALA A 229 -11.39 6.01 -4.18
N LEU A 230 -12.46 5.85 -3.43
CA LEU A 230 -13.80 5.88 -4.02
C LEU A 230 -14.32 7.24 -4.39
N HIS A 231 -14.16 8.22 -3.50
CA HIS A 231 -14.79 9.55 -3.64
C HIS A 231 -13.85 10.58 -4.18
N GLY A 232 -12.56 10.30 -4.14
CA GLY A 232 -11.60 11.25 -4.66
C GLY A 232 -10.96 11.99 -3.52
N ILE A 233 -9.74 12.47 -3.79
CA ILE A 233 -8.90 13.27 -2.90
C ILE A 233 -9.30 14.77 -2.96
N PRO A 234 -9.58 15.41 -1.81
CA PRO A 234 -9.87 16.86 -1.88
C PRO A 234 -8.67 17.69 -2.36
N ASP A 235 -8.99 18.77 -3.08
CA ASP A 235 -8.00 19.65 -3.66
C ASP A 235 -7.07 20.17 -2.56
N GLY A 236 -7.66 20.53 -1.43
CA GLY A 236 -6.90 21.08 -0.31
C GLY A 236 -5.89 20.11 0.30
N VAL A 237 -6.02 18.80 0.04
CA VAL A 237 -4.96 17.89 0.53
C VAL A 237 -4.15 17.20 -0.58
N ASN A 238 -4.34 17.61 -1.84
CA ASN A 238 -3.66 17.00 -2.94
C ASN A 238 -2.15 17.19 -2.71
N GLY A 239 -1.36 16.19 -2.94
CA GLY A 239 0.05 16.43 -2.75
C GLY A 239 0.50 16.26 -1.30
N GLN A 240 -0.38 16.11 -0.33
CA GLN A 240 0.17 16.13 1.05
C GLN A 240 0.39 14.75 1.64
N TYR A 241 1.05 14.71 2.79
CA TYR A 241 1.19 13.48 3.57
C TYR A 241 0.61 13.78 4.96
N LEU A 242 -0.27 12.91 5.50
CA LEU A 242 -1.14 13.24 6.68
C LEU A 242 -1.33 11.91 7.41
N SER A 243 -1.54 11.96 8.73
CA SER A 243 -2.15 10.84 9.46
C SER A 243 -3.60 10.66 9.08
N TYR A 244 -4.08 9.41 9.21
CA TYR A 244 -5.43 9.05 8.82
C TYR A 244 -6.39 9.86 9.68
N ASN A 245 -5.91 10.27 10.87
CA ASN A 245 -6.75 11.01 11.80
C ASN A 245 -6.50 12.53 11.75
N ASP A 246 -5.96 13.06 10.65
CA ASP A 246 -5.89 14.53 10.54
C ASP A 246 -7.32 15.08 10.27
N PRO A 247 -7.68 16.19 10.91
CA PRO A 247 -9.06 16.64 10.70
C PRO A 247 -9.45 16.89 9.21
N ALA A 248 -8.48 17.19 8.36
CA ALA A 248 -8.80 17.43 6.92
C ALA A 248 -9.37 16.14 6.29
N LEU A 249 -9.20 15.01 6.99
CA LEU A 249 -9.75 13.72 6.53
C LEU A 249 -11.06 13.26 7.26
N ALA A 250 -11.60 14.11 8.14
CA ALA A 250 -12.88 13.76 8.86
C ALA A 250 -13.97 13.12 7.96
N ASP A 251 -14.13 13.56 6.71
CA ASP A 251 -15.22 13.02 5.87
C ASP A 251 -14.92 11.67 5.26
N PHE A 252 -13.70 11.19 5.50
CA PHE A 252 -13.30 9.87 5.02
C PHE A 252 -13.26 8.82 6.14
N MET A 253 -13.63 9.23 7.35
CA MET A 253 -13.76 8.29 8.48
C MET A 253 -15.04 7.42 8.30
N PRO A 254 -15.15 6.31 9.06
CA PRO A 254 -16.36 5.44 9.08
C PRO A 254 -17.65 6.19 9.33
#